data_4ALG
#
_entry.id   4ALG
#
_cell.length_a   82.050
_cell.length_b   40.303
_cell.length_c   48.347
_cell.angle_alpha   90.00
_cell.angle_beta   113.22
_cell.angle_gamma   90.00
#
_symmetry.space_group_name_H-M   'C 1 2 1'
#
loop_
_entity.id
_entity.type
_entity.pdbx_description
1 polymer 'BROMODOMAIN-CONTAINING PROTEIN 2'
2 non-polymer 'ACETATE ION'
3 non-polymer GLYCEROL
4 non-polymer 7-(3,5-DIMETHYL-1,2-OXAZOL-4-YL)-8-METHOXY-1-[(1R)-1-(PYRIDIN-2-YL)ETHYL]-1H,2H,3H-IMIDAZO[4,5-C]QUINOLIN-2-ONE
5 water water
#
_entity_poly.entity_id   1
_entity_poly.type   'polypeptide(L)'
_entity_poly.pdbx_seq_one_letter_code
;GSSHHHHHHSSGLVPRGSHMSNPKKPGRVTNQLQYLHKVVMKALWKHQFAWPFRQPVDAVKLGLPDYHKIIKQPMDMGTI
KRRLENNYYWAASECMQDFNTMFTNCYIYNKPTDDIVLMAQTLEKIFLQKVASMPQEEQELVVTIPKNSHKKGA
;
_entity_poly.pdbx_strand_id   A
#
loop_
_chem_comp.id
_chem_comp.type
_chem_comp.name
_chem_comp.formula
1GH non-polymer 7-(3,5-DIMETHYL-1,2-OXAZOL-4-YL)-8-METHOXY-1-[(1R)-1-(PYRIDIN-2-YL)ETHYL]-1H,2H,3H-IMIDAZO[4,5-C]QUINOLIN-2-ONE 'C23 H21 N5 O3'
ACT non-polymer 'ACETATE ION' 'C2 H3 O2 -1'
GOL non-polymer GLYCEROL 'C3 H8 O3'
#
# COMPACT_ATOMS: atom_id res chain seq x y z
N PRO A 26 9.60 10.20 14.54
CA PRO A 26 10.33 10.91 13.50
C PRO A 26 10.97 9.97 12.47
N GLY A 27 10.43 9.98 11.25
CA GLY A 27 10.93 9.13 10.17
C GLY A 27 12.08 9.78 9.43
N ARG A 28 12.43 9.22 8.28
CA ARG A 28 13.56 9.73 7.49
C ARG A 28 13.43 9.40 6.00
N VAL A 29 14.31 10.01 5.21
CA VAL A 29 14.40 9.76 3.78
C VAL A 29 15.51 8.74 3.55
N THR A 30 15.20 7.66 2.84
CA THR A 30 16.19 6.69 2.42
C THR A 30 16.05 6.45 0.92
N ASN A 31 17.09 5.92 0.30
CA ASN A 31 17.02 5.56 -1.11
C ASN A 31 15.86 4.58 -1.44
N GLN A 32 15.61 3.63 -0.55
CA GLN A 32 14.52 2.67 -0.74
C GLN A 32 13.13 3.32 -0.61
N LEU A 33 12.96 4.20 0.37
CA LEU A 33 11.68 4.92 0.54
C LEU A 33 11.43 5.86 -0.65
N GLN A 34 12.50 6.46 -1.14
CA GLN A 34 12.44 7.33 -2.32
C GLN A 34 11.98 6.54 -3.55
N TYR A 35 12.53 5.34 -3.71
CA TYR A 35 12.12 4.42 -4.77
C TYR A 35 10.66 3.97 -4.62
N LEU A 36 10.25 3.66 -3.39
CA LEU A 36 8.86 3.28 -3.13
C LEU A 36 7.88 4.41 -3.47
N HIS A 37 8.31 5.65 -3.28
CA HIS A 37 7.51 6.83 -3.59
C HIS A 37 7.48 7.10 -5.07
N LYS A 38 8.66 7.28 -5.67
CA LYS A 38 8.76 7.84 -7.01
C LYS A 38 8.68 6.81 -8.14
N VAL A 39 8.84 5.54 -7.81
CA VAL A 39 8.72 4.47 -8.81
C VAL A 39 7.54 3.55 -8.51
N VAL A 40 7.48 3.03 -7.29
CA VAL A 40 6.46 2.03 -6.95
C VAL A 40 5.07 2.68 -6.88
N MET A 41 4.92 3.66 -6.00
CA MET A 41 3.62 4.33 -5.83
C MET A 41 3.17 5.01 -7.12
N LYS A 42 4.10 5.51 -7.93
N LYS A 42 4.11 5.52 -7.91
CA LYS A 42 3.76 6.13 -9.21
CA LYS A 42 3.79 6.10 -9.23
C LYS A 42 3.13 5.12 -10.18
C LYS A 42 3.09 5.09 -10.12
N ALA A 43 3.69 3.91 -10.25
CA ALA A 43 3.11 2.84 -11.09
C ALA A 43 1.75 2.35 -10.60
N LEU A 44 1.55 2.31 -9.29
CA LEU A 44 0.31 1.79 -8.73
C LEU A 44 -0.82 2.81 -8.72
N TRP A 45 -0.49 4.06 -8.43
CA TRP A 45 -1.50 5.10 -8.22
C TRP A 45 -2.38 5.35 -9.41
N LYS A 46 -1.80 5.23 -10.60
CA LYS A 46 -2.49 5.50 -11.86
C LYS A 46 -3.05 4.24 -12.55
N HIS A 47 -2.79 3.06 -11.98
CA HIS A 47 -3.28 1.81 -12.58
C HIS A 47 -4.78 1.80 -12.67
N GLN A 48 -5.31 1.10 -13.67
CA GLN A 48 -6.77 1.00 -13.89
C GLN A 48 -7.55 0.51 -12.66
N PHE A 49 -6.93 -0.34 -11.87
CA PHE A 49 -7.56 -0.95 -10.69
C PHE A 49 -7.30 -0.21 -9.39
N ALA A 50 -6.58 0.91 -9.44
CA ALA A 50 -6.14 1.59 -8.20
C ALA A 50 -7.25 2.28 -7.42
N TRP A 51 -8.26 2.82 -8.12
CA TRP A 51 -9.20 3.77 -7.50
C TRP A 51 -9.89 3.32 -6.22
N PRO A 52 -10.29 2.04 -6.11
CA PRO A 52 -10.88 1.65 -4.82
C PRO A 52 -9.90 1.58 -3.64
N PHE A 53 -8.59 1.57 -3.93
CA PHE A 53 -7.53 1.48 -2.93
C PHE A 53 -6.92 2.85 -2.56
N ARG A 54 -7.40 3.94 -3.18
CA ARG A 54 -6.77 5.24 -2.98
C ARG A 54 -7.22 5.96 -1.70
N GLN A 55 -8.21 5.40 -1.01
CA GLN A 55 -8.73 5.98 0.23
C GLN A 55 -9.22 4.87 1.15
N PRO A 56 -9.37 5.15 2.45
CA PRO A 56 -9.81 4.10 3.37
C PRO A 56 -11.18 3.50 3.02
N VAL A 57 -11.35 2.23 3.36
CA VAL A 57 -12.61 1.54 3.14
C VAL A 57 -13.66 2.11 4.11
N ASP A 58 -14.70 2.72 3.54
CA ASP A 58 -15.83 3.21 4.32
C ASP A 58 -16.89 2.11 4.31
N ALA A 59 -16.84 1.27 5.33
CA ALA A 59 -17.64 0.05 5.41
C ALA A 59 -19.15 0.30 5.41
N VAL A 60 -19.59 1.35 6.11
CA VAL A 60 -21.02 1.59 6.24
C VAL A 60 -21.62 2.05 4.91
N LYS A 61 -20.98 3.03 4.27
CA LYS A 61 -21.43 3.49 2.95
C LYS A 61 -21.44 2.36 1.92
N LEU A 62 -20.44 1.46 2.00
CA LEU A 62 -20.34 0.34 1.07
C LEU A 62 -21.19 -0.86 1.51
N GLY A 63 -21.81 -0.77 2.69
CA GLY A 63 -22.70 -1.82 3.18
C GLY A 63 -21.94 -3.11 3.46
N LEU A 64 -20.81 -2.97 4.14
CA LEU A 64 -19.92 -4.10 4.43
C LEU A 64 -20.02 -4.47 5.91
N PRO A 65 -20.76 -5.55 6.21
CA PRO A 65 -20.96 -5.89 7.62
C PRO A 65 -19.70 -6.37 8.32
N ASP A 66 -19.53 -5.93 9.57
CA ASP A 66 -18.44 -6.36 10.45
C ASP A 66 -17.04 -6.10 9.89
N TYR A 67 -16.90 -5.13 9.00
CA TYR A 67 -15.59 -4.82 8.44
C TYR A 67 -14.55 -4.55 9.54
N HIS A 68 -14.93 -3.78 10.56
CA HIS A 68 -13.98 -3.39 11.62
C HIS A 68 -13.81 -4.41 12.72
N LYS A 69 -14.62 -5.46 12.74
CA LYS A 69 -14.35 -6.63 13.58
C LYS A 69 -13.27 -7.49 12.94
N ILE A 70 -13.34 -7.62 11.63
CA ILE A 70 -12.45 -8.48 10.84
C ILE A 70 -11.10 -7.81 10.57
N ILE A 71 -11.15 -6.53 10.18
CA ILE A 71 -9.95 -5.77 9.82
C ILE A 71 -9.63 -4.78 10.94
N LYS A 72 -8.59 -5.08 11.72
CA LYS A 72 -8.19 -4.24 12.85
C LYS A 72 -7.11 -3.19 12.53
N GLN A 73 -6.46 -3.34 11.38
N GLN A 73 -6.45 -3.32 11.40
CA GLN A 73 -5.45 -2.40 10.90
CA GLN A 73 -5.49 -2.30 10.97
C GLN A 73 -5.78 -2.00 9.45
C GLN A 73 -5.74 -1.94 9.51
N PRO A 74 -6.78 -1.11 9.27
CA PRO A 74 -7.12 -0.69 7.90
C PRO A 74 -5.98 0.10 7.28
N MET A 75 -5.83 -0.05 5.97
CA MET A 75 -4.76 0.62 5.26
C MET A 75 -5.17 0.81 3.80
N ASP A 76 -4.65 1.86 3.18
CA ASP A 76 -4.97 2.20 1.81
C ASP A 76 -3.79 2.96 1.21
N MET A 77 -3.79 3.08 -0.12
CA MET A 77 -2.67 3.70 -0.84
C MET A 77 -2.59 5.21 -0.64
N GLY A 78 -3.73 5.85 -0.40
CA GLY A 78 -3.75 7.27 -0.03
C GLY A 78 -2.97 7.56 1.24
N THR A 79 -3.21 6.75 2.26
CA THR A 79 -2.51 6.86 3.54
C THR A 79 -1.01 6.60 3.36
N ILE A 80 -0.67 5.59 2.57
CA ILE A 80 0.73 5.25 2.31
C ILE A 80 1.41 6.41 1.58
N LYS A 81 0.73 6.94 0.57
CA LYS A 81 1.25 8.03 -0.25
C LYS A 81 1.53 9.26 0.61
N ARG A 82 0.60 9.59 1.50
CA ARG A 82 0.80 10.71 2.44
C ARG A 82 2.00 10.46 3.36
N ARG A 83 2.09 9.25 3.89
CA ARG A 83 3.20 8.86 4.76
C ARG A 83 4.56 8.96 4.06
N LEU A 84 4.60 8.63 2.78
CA LEU A 84 5.83 8.75 2.01
C LEU A 84 6.17 10.22 1.82
N GLU A 85 5.14 11.02 1.51
CA GLU A 85 5.30 12.46 1.28
C GLU A 85 5.73 13.21 2.55
N ASN A 86 5.29 12.73 3.71
CA ASN A 86 5.54 13.41 4.99
C ASN A 86 6.68 12.80 5.82
N ASN A 87 7.50 11.96 5.20
CA ASN A 87 8.61 11.28 5.89
C ASN A 87 8.18 10.61 7.20
N TYR A 88 7.08 9.89 7.14
CA TYR A 88 6.52 9.18 8.29
C TYR A 88 7.33 7.94 8.64
N TYR A 89 7.81 7.24 7.62
CA TYR A 89 8.51 5.96 7.83
C TYR A 89 9.97 6.15 8.22
N TRP A 90 10.46 5.24 9.06
CA TRP A 90 11.88 5.16 9.41
C TRP A 90 12.64 4.34 8.39
N ALA A 91 12.00 3.32 7.85
CA ALA A 91 12.63 2.39 6.91
C ALA A 91 11.61 1.87 5.89
N ALA A 92 12.12 1.47 4.73
CA ALA A 92 11.30 0.94 3.64
C ALA A 92 10.48 -0.30 4.07
N SER A 93 11.02 -1.06 5.00
CA SER A 93 10.33 -2.25 5.52
C SER A 93 8.94 -1.92 6.11
N GLU A 94 8.84 -0.74 6.73
CA GLU A 94 7.57 -0.28 7.31
C GLU A 94 6.55 0.07 6.24
N CYS A 95 7.02 0.72 5.18
CA CYS A 95 6.16 1.06 4.04
C CYS A 95 5.69 -0.20 3.32
N MET A 96 6.61 -1.13 3.06
CA MET A 96 6.27 -2.42 2.49
C MET A 96 5.29 -3.19 3.38
N GLN A 97 5.41 -3.08 4.69
CA GLN A 97 4.44 -3.71 5.59
C GLN A 97 3.05 -3.09 5.43
N ASP A 98 2.97 -1.78 5.23
CA ASP A 98 1.68 -1.14 5.03
C ASP A 98 1.03 -1.59 3.72
N PHE A 99 1.83 -1.70 2.66
CA PHE A 99 1.33 -2.30 1.40
C PHE A 99 0.78 -3.72 1.62
N ASN A 100 1.57 -4.56 2.29
CA ASN A 100 1.16 -5.94 2.55
C ASN A 100 -0.13 -6.01 3.36
N THR A 101 -0.23 -5.17 4.39
CA THR A 101 -1.45 -5.09 5.18
C THR A 101 -2.66 -4.69 4.33
N MET A 102 -2.50 -3.68 3.47
CA MET A 102 -3.57 -3.29 2.57
C MET A 102 -4.07 -4.46 1.73
N PHE A 103 -3.15 -5.22 1.14
CA PHE A 103 -3.52 -6.33 0.27
C PHE A 103 -4.15 -7.48 1.05
N THR A 104 -3.49 -7.90 2.14
CA THR A 104 -4.03 -9.01 2.93
C THR A 104 -5.37 -8.67 3.62
N ASN A 105 -5.55 -7.42 4.07
CA ASN A 105 -6.89 -6.98 4.52
C ASN A 105 -7.97 -7.29 3.47
N CYS A 106 -7.67 -6.97 2.22
CA CYS A 106 -8.60 -7.18 1.12
C CYS A 106 -8.90 -8.66 0.95
N TYR A 107 -7.84 -9.47 0.96
CA TYR A 107 -7.96 -10.93 0.80
C TYR A 107 -8.75 -11.56 1.94
N ILE A 108 -8.57 -11.02 3.14
CA ILE A 108 -9.24 -11.56 4.33
C ILE A 108 -10.74 -11.21 4.34
N TYR A 109 -11.07 -9.94 4.14
CA TYR A 109 -12.47 -9.53 4.23
C TYR A 109 -13.35 -10.11 3.11
N ASN A 110 -12.79 -10.18 1.91
CA ASN A 110 -13.54 -10.53 0.71
C ASN A 110 -13.37 -12.00 0.33
N LYS A 111 -14.09 -12.44 -0.69
CA LYS A 111 -13.99 -13.83 -1.16
C LYS A 111 -12.91 -13.95 -2.23
N PRO A 112 -12.29 -15.13 -2.35
CA PRO A 112 -11.21 -15.33 -3.32
C PRO A 112 -11.57 -14.96 -4.77
N THR A 113 -12.84 -15.10 -5.13
CA THR A 113 -13.31 -14.83 -6.50
C THR A 113 -13.87 -13.41 -6.72
N ASP A 114 -13.91 -12.59 -5.67
CA ASP A 114 -14.48 -11.26 -5.78
C ASP A 114 -13.63 -10.34 -6.67
N ASP A 115 -14.30 -9.48 -7.43
CA ASP A 115 -13.65 -8.47 -8.28
C ASP A 115 -12.55 -7.71 -7.54
N ILE A 116 -12.85 -7.23 -6.33
CA ILE A 116 -11.87 -6.45 -5.58
C ILE A 116 -10.58 -7.26 -5.25
N VAL A 117 -10.73 -8.56 -4.99
CA VAL A 117 -9.58 -9.43 -4.71
C VAL A 117 -8.72 -9.67 -5.94
N LEU A 118 -9.35 -9.85 -7.11
CA LEU A 118 -8.62 -10.00 -8.35
C LEU A 118 -7.87 -8.71 -8.68
N MET A 119 -8.52 -7.57 -8.44
CA MET A 119 -7.91 -6.26 -8.65
C MET A 119 -6.69 -6.09 -7.72
N ALA A 120 -6.86 -6.42 -6.45
CA ALA A 120 -5.75 -6.36 -5.48
C ALA A 120 -4.58 -7.25 -5.90
N GLN A 121 -4.89 -8.47 -6.34
CA GLN A 121 -3.84 -9.41 -6.78
C GLN A 121 -3.01 -8.83 -7.92
N THR A 122 -3.69 -8.21 -8.88
CA THR A 122 -3.03 -7.54 -10.01
C THR A 122 -2.10 -6.41 -9.54
N LEU A 123 -2.61 -5.57 -8.64
CA LEU A 123 -1.80 -4.50 -8.05
C LEU A 123 -0.62 -5.03 -7.25
N GLU A 124 -0.83 -6.09 -6.48
CA GLU A 124 0.25 -6.64 -5.67
C GLU A 124 1.34 -7.25 -6.55
N LYS A 125 0.96 -7.87 -7.65
CA LYS A 125 1.93 -8.43 -8.59
C LYS A 125 2.87 -7.34 -9.08
N ILE A 126 2.30 -6.20 -9.47
CA ILE A 126 3.08 -5.05 -9.91
C ILE A 126 3.98 -4.53 -8.79
N PHE A 127 3.42 -4.37 -7.59
CA PHE A 127 4.17 -3.91 -6.42
C PHE A 127 5.40 -4.80 -6.19
N LEU A 128 5.19 -6.09 -6.15
CA LEU A 128 6.28 -7.02 -5.88
C LEU A 128 7.32 -7.05 -7.01
N GLN A 129 6.86 -6.94 -8.25
CA GLN A 129 7.77 -6.84 -9.41
C GLN A 129 8.69 -5.63 -9.27
N LYS A 130 8.13 -4.49 -8.89
CA LYS A 130 8.92 -3.27 -8.69
C LYS A 130 9.87 -3.38 -7.49
N VAL A 131 9.44 -4.04 -6.42
CA VAL A 131 10.30 -4.26 -5.26
C VAL A 131 11.57 -5.05 -5.62
N ALA A 132 11.47 -5.91 -6.63
CA ALA A 132 12.63 -6.69 -7.09
C ALA A 132 13.71 -5.87 -7.79
N SER A 133 13.43 -4.60 -8.09
CA SER A 133 14.43 -3.68 -8.67
C SER A 133 14.72 -2.46 -7.77
N MET A 134 14.24 -2.50 -6.53
CA MET A 134 14.52 -1.46 -5.55
C MET A 134 16.01 -1.45 -5.22
N PRO A 135 16.58 -0.28 -4.88
CA PRO A 135 17.96 -0.25 -4.37
C PRO A 135 18.16 -1.23 -3.23
N GLN A 136 19.27 -1.97 -3.24
CA GLN A 136 19.43 -3.12 -2.34
C GLN A 136 19.84 -2.76 -0.92
N GLU A 137 20.85 -1.92 -0.76
CA GLU A 137 21.30 -1.55 0.58
C GLU A 137 20.66 -0.22 0.98
N GLU A 138 19.88 -0.24 2.06
CA GLU A 138 19.20 0.97 2.50
C GLU A 138 20.18 1.93 3.17
N GLN A 139 20.21 3.15 2.66
CA GLN A 139 21.05 4.20 3.20
C GLN A 139 20.25 5.49 3.28
N GLU A 140 20.39 6.19 4.41
CA GLU A 140 19.69 7.44 4.63
C GLU A 140 20.24 8.55 3.77
N LEU A 141 19.35 9.42 3.28
CA LEU A 141 19.70 10.59 2.50
C LEU A 141 19.53 11.83 3.37
N VAL A 142 20.57 12.66 3.46
CA VAL A 142 20.53 13.86 4.29
C VAL A 142 20.12 15.07 3.46
N VAL A 143 21.05 15.60 2.67
CA VAL A 143 20.84 16.84 1.91
C VAL A 143 22.17 17.34 1.35
C ACT B . -8.44 6.57 -12.65
O ACT B . -9.14 5.55 -12.55
OXT ACT B . -8.74 7.62 -12.05
CH3 ACT B . -7.21 6.54 -13.50
C1 GOL C . -11.71 4.60 8.35
O1 GOL C . -11.53 3.19 8.40
C2 GOL C . -13.07 5.01 8.94
O2 GOL C . -13.36 4.29 10.15
C3 GOL C . -14.15 4.71 7.94
O3 GOL C . -14.95 5.87 7.73
O2 1GH D . -18.04 1.80 -6.13
C13 1GH D . -17.16 1.56 -5.32
N1 1GH D . -16.84 0.29 -4.83
C6 1GH D . -17.48 -0.96 -5.29
C8 1GH D . -16.45 -1.87 -5.94
N2 1GH D . -16.69 -3.20 -5.91
C12 1GH D . -15.77 -4.01 -6.49
C11 1GH D . -14.62 -3.55 -7.09
C10 1GH D . -14.40 -2.19 -7.11
C9 1GH D . -15.32 -1.33 -6.53
C7 1GH D . -18.30 -1.63 -4.19
N3 1GH D . -16.34 2.43 -4.69
C14 1GH D . -15.48 1.77 -3.83
C5 1GH D . -15.77 0.40 -3.90
C15 1GH D . -14.48 2.25 -3.00
N4 1GH D . -13.74 1.50 -2.23
C16 1GH D . -13.98 0.15 -2.26
C4 1GH D . -14.98 -0.44 -3.06
C3 1GH D . -15.14 -1.86 -3.00
C17 1GH D . -13.18 -0.68 -1.42
C18 1GH D . -13.37 -2.04 -1.37
C2 1GH D . -14.35 -2.62 -2.20
O1 1GH D . -14.45 -3.99 -2.08
C1 1GH D . -15.67 -4.59 -2.48
C19 1GH D . -12.50 -2.86 -0.51
C22 1GH D . -12.86 -3.74 0.44
C23 1GH D . -14.17 -4.19 0.97
O3 1GH D . -11.78 -4.30 0.98
N5 1GH D . -10.63 -3.75 0.34
C20 1GH D . -11.09 -2.90 -0.54
C21 1GH D . -10.13 -2.14 -1.38
#